data_5AWX
#
_entry.id   5AWX
#
_cell.length_a   54.641
_cell.length_b   72.245
_cell.length_c   90.557
_cell.angle_alpha   90.00
_cell.angle_beta   90.00
_cell.angle_gamma   90.00
#
_symmetry.space_group_name_H-M   'P 21 21 21'
#
loop_
_entity.id
_entity.type
_entity.pdbx_description
1 polymer 'Receptor-type tyrosine-protein phosphatase zeta'
2 non-polymer 'BROMIDE ION'
3 water water
#
_entity_poly.entity_id   1
_entity_poly.type   'polypeptide(L)'
_entity_poly.pdbx_seq_one_letter_code
;GPAIPIKHFPKHVADLHASSGFTEEFEEVQSCTVDLGITADSSNHPDNKHKNRYINIVAYDHSRVKLAQLAEKDGKLTDY
INANYVDGYNRPKAYIAAQGPLKSTAEDFWRMIWEHNVEVIVMITNLVEKGRRKCDQYWPADGSEEYGNFLVTQKSVQVL
AYYTVRNFTLRNTKIKKGSQKGRPSGRVVTQYHYTQWPDMGVPEYSLPVLTFVRKAAYAKRHAVGPVVVHCSAGVGRTGT
YIVLDSMLQQIQHEGTVNIFGFLKHIRSQRNYLVQTEEQYVFIHDTLVEAILSKETEV
;
_entity_poly.pdbx_strand_id   A
#
# COMPACT_ATOMS: atom_id res chain seq x y z
N GLY A 1 -5.28 21.33 0.05
CA GLY A 1 -6.28 22.06 -0.77
C GLY A 1 -7.52 22.10 0.09
N PRO A 2 -8.55 22.78 -0.36
CA PRO A 2 -9.81 22.81 0.38
C PRO A 2 -10.51 21.47 0.23
N ALA A 3 -11.37 21.07 1.18
CA ALA A 3 -12.27 19.98 1.00
C ALA A 3 -13.22 20.35 -0.14
N ILE A 4 -13.36 19.52 -1.14
CA ILE A 4 -14.32 19.83 -2.22
C ILE A 4 -15.59 19.03 -1.90
N PRO A 5 -16.72 19.70 -1.66
CA PRO A 5 -18.01 18.98 -1.51
C PRO A 5 -18.25 18.12 -2.71
N ILE A 6 -18.83 16.93 -2.51
CA ILE A 6 -18.95 15.97 -3.61
C ILE A 6 -19.72 16.55 -4.78
N LYS A 7 -20.72 17.36 -4.44
CA LYS A 7 -21.49 18.05 -5.44
C LYS A 7 -20.63 18.84 -6.41
N HIS A 8 -19.52 19.44 -5.98
CA HIS A 8 -18.67 20.21 -6.89
C HIS A 8 -17.42 19.49 -7.44
N PHE A 9 -17.25 18.24 -7.06
CA PHE A 9 -16.05 17.47 -7.43
C PHE A 9 -15.94 17.14 -8.90
N PRO A 10 -17.07 16.72 -9.49
CA PRO A 10 -17.01 16.47 -10.94
C PRO A 10 -16.54 17.69 -11.72
N LYS A 11 -17.12 18.86 -11.44
CA LYS A 11 -16.66 20.05 -12.11
C LYS A 11 -15.22 20.44 -11.79
N HIS A 12 -14.84 20.32 -10.52
CA HIS A 12 -13.49 20.58 -10.16
C HIS A 12 -12.55 19.72 -11.04
N VAL A 13 -12.85 18.45 -11.20
CA VAL A 13 -12.02 17.56 -12.00
C VAL A 13 -12.10 17.89 -13.52
N ALA A 14 -13.29 18.20 -13.99
CA ALA A 14 -13.43 18.59 -15.42
C ALA A 14 -12.63 19.86 -15.71
N ASP A 15 -12.60 20.80 -14.76
CA ASP A 15 -11.84 22.03 -14.94
C ASP A 15 -10.34 21.76 -14.93
N LEU A 16 -9.88 20.78 -14.13
CA LEU A 16 -8.48 20.41 -14.15
C LEU A 16 -8.10 19.78 -15.48
N HIS A 17 -8.93 18.91 -16.01
CA HIS A 17 -8.71 18.33 -17.33
C HIS A 17 -8.62 19.42 -18.42
N ALA A 18 -9.63 20.27 -18.53
CA ALA A 18 -9.61 21.40 -19.51
C ALA A 18 -8.48 22.44 -19.35
N SER A 19 -8.08 22.79 -18.15
CA SER A 19 -6.95 23.67 -18.02
C SER A 19 -5.56 23.00 -18.12
N SER A 20 -5.52 21.68 -18.38
CA SER A 20 -4.26 20.92 -18.22
C SER A 20 -3.55 21.20 -16.89
N GLY A 21 -4.34 21.42 -15.83
CA GLY A 21 -3.84 21.83 -14.51
C GLY A 21 -3.38 20.67 -13.57
N PHE A 22 -3.54 19.44 -14.01
CA PHE A 22 -3.03 18.32 -13.19
C PHE A 22 -1.52 18.29 -13.12
N THR A 23 -0.84 18.70 -14.20
CA THR A 23 0.62 18.67 -14.23
C THR A 23 1.20 19.61 -13.12
N GLU A 24 0.72 20.83 -13.09
CA GLU A 24 1.14 21.74 -12.05
C GLU A 24 0.80 21.28 -10.66
N GLU A 25 -0.40 20.76 -10.47
CA GLU A 25 -0.77 20.27 -9.11
C GLU A 25 0.11 19.09 -8.64
N PHE A 26 0.28 18.14 -9.52
CA PHE A 26 1.14 16.97 -9.18
C PHE A 26 2.61 17.39 -8.95
N GLU A 27 3.07 18.38 -9.71
CA GLU A 27 4.38 18.98 -9.44
C GLU A 27 4.44 19.57 -8.08
N GLU A 28 3.37 20.22 -7.45
CA GLU A 28 3.54 20.63 -6.05
C GLU A 28 3.51 19.48 -5.10
N VAL A 29 2.75 18.41 -5.42
CA VAL A 29 2.86 17.20 -4.58
C VAL A 29 4.35 16.74 -4.53
N GLN A 30 5.05 16.75 -5.66
CA GLN A 30 6.36 16.15 -5.70
C GLN A 30 7.43 16.85 -4.87
N SER A 31 7.27 18.17 -4.72
CA SER A 31 8.23 18.99 -3.96
C SER A 31 7.81 19.27 -2.50
N CYS A 32 6.68 18.73 -2.08
CA CYS A 32 6.04 19.19 -0.83
C CYS A 32 6.82 18.81 0.46
N THR A 33 7.79 17.88 0.35
CA THR A 33 8.52 17.35 1.57
C THR A 33 10.04 17.64 1.63
N VAL A 34 10.57 18.39 0.66
CA VAL A 34 12.02 18.63 0.66
C VAL A 34 12.57 19.41 1.88
N ASP A 35 11.75 20.19 2.56
CA ASP A 35 12.17 21.04 3.71
C ASP A 35 11.95 20.43 5.13
N LEU A 36 11.68 19.14 5.30
CA LEU A 36 11.21 18.58 6.60
C LEU A 36 12.19 17.78 7.49
N GLY A 37 13.47 17.72 7.11
CA GLY A 37 14.47 16.96 7.90
C GLY A 37 14.29 15.44 7.80
N ILE A 38 13.71 14.97 6.70
CA ILE A 38 13.54 13.52 6.49
C ILE A 38 14.86 12.83 6.20
N THR A 39 15.08 11.68 6.77
CA THR A 39 16.24 10.93 6.53
C THR A 39 15.87 9.46 6.24
N ALA A 40 16.79 8.76 5.65
CA ALA A 40 16.67 7.31 5.39
C ALA A 40 17.98 6.57 5.65
N ASP A 41 18.54 6.76 6.84
CA ASP A 41 19.77 6.12 7.19
C ASP A 41 19.59 4.64 7.27
N SER A 42 18.52 4.15 7.86
CA SER A 42 18.38 2.70 7.92
C SER A 42 18.33 1.98 6.53
N SER A 43 17.56 2.53 5.61
CA SER A 43 17.43 1.98 4.32
C SER A 43 18.77 1.91 3.59
N ASN A 44 19.69 2.84 3.89
CA ASN A 44 20.98 2.94 3.23
C ASN A 44 22.09 2.24 3.96
N HIS A 45 21.80 1.62 5.12
CA HIS A 45 22.79 0.92 5.87
C HIS A 45 23.26 -0.31 5.11
N PRO A 46 24.57 -0.56 5.10
CA PRO A 46 25.04 -1.74 4.36
C PRO A 46 24.38 -3.06 4.77
N ASP A 47 23.99 -3.19 6.04
CA ASP A 47 23.33 -4.43 6.44
C ASP A 47 21.99 -4.63 5.75
N ASN A 48 21.35 -3.56 5.31
CA ASN A 48 20.03 -3.67 4.73
C ASN A 48 19.94 -3.70 3.22
N LYS A 49 21.10 -3.62 2.57
CA LYS A 49 21.18 -3.37 1.15
C LYS A 49 20.39 -4.38 0.36
N HIS A 50 20.49 -5.64 0.72
CA HIS A 50 19.80 -6.67 -0.04
C HIS A 50 18.29 -6.78 0.34
N LYS A 51 17.88 -6.00 1.30
CA LYS A 51 16.47 -6.02 1.72
C LYS A 51 15.59 -5.03 0.95
N ASN A 52 16.18 -4.20 0.13
CA ASN A 52 15.47 -3.25 -0.66
C ASN A 52 15.28 -3.80 -2.08
N ARG A 53 14.09 -3.80 -2.55
CA ARG A 53 13.87 -4.29 -3.90
C ARG A 53 14.36 -3.28 -4.96
N TYR A 54 14.31 -1.97 -4.63
CA TYR A 54 14.70 -0.93 -5.53
C TYR A 54 15.57 0.12 -4.80
N ILE A 55 16.68 0.45 -5.40
CA ILE A 55 17.62 1.31 -4.73
C ILE A 55 17.18 2.76 -4.57
N ASN A 56 16.23 3.22 -5.35
CA ASN A 56 15.76 4.56 -5.22
C ASN A 56 14.51 4.66 -4.29
N ILE A 57 14.02 3.52 -3.80
CA ILE A 57 12.78 3.51 -2.99
C ILE A 57 13.17 3.13 -1.56
N VAL A 58 13.08 4.10 -0.64
CA VAL A 58 13.62 3.99 0.66
C VAL A 58 12.43 4.10 1.63
N ALA A 59 12.67 3.79 2.90
CA ALA A 59 11.63 3.90 3.95
C ALA A 59 12.09 4.92 4.92
N TYR A 60 11.45 6.08 4.94
CA TYR A 60 11.96 7.16 5.79
C TYR A 60 12.10 6.73 7.25
N ASP A 61 13.18 7.15 7.89
CA ASP A 61 13.47 6.81 9.25
C ASP A 61 12.38 7.09 10.26
N HIS A 62 11.68 8.19 10.14
CA HIS A 62 10.70 8.57 11.19
C HIS A 62 9.45 7.69 11.14
N SER A 63 9.12 7.10 10.01
CA SER A 63 7.87 6.39 9.85
C SER A 63 8.04 4.95 9.42
N ARG A 64 9.26 4.49 9.36
CA ARG A 64 9.48 3.11 8.94
C ARG A 64 8.98 2.13 9.94
N VAL A 65 8.55 0.99 9.45
CA VAL A 65 8.04 -0.05 10.34
C VAL A 65 9.20 -0.80 10.95
N LYS A 66 9.35 -0.71 12.26
CA LYS A 66 10.50 -1.38 12.88
C LYS A 66 10.21 -2.76 13.31
N LEU A 67 11.12 -3.69 13.01
CA LEU A 67 10.99 -5.06 13.51
C LEU A 67 11.81 -5.15 14.80
N ALA A 68 11.40 -6.03 15.70
CA ALA A 68 12.17 -6.23 16.94
C ALA A 68 13.57 -6.77 16.59
N GLN A 69 14.51 -6.50 17.44
CA GLN A 69 15.89 -6.85 17.14
C GLN A 69 16.15 -8.24 17.55
N LEU A 70 16.97 -8.90 16.75
CA LEU A 70 17.51 -10.18 17.06
C LEU A 70 19.01 -10.08 17.04
N ALA A 71 19.68 -10.83 17.91
CA ALA A 71 21.16 -10.80 17.89
C ALA A 71 21.57 -12.08 17.21
N GLU A 72 22.07 -12.00 15.99
CA GLU A 72 22.37 -13.19 15.19
C GLU A 72 23.88 -13.34 15.13
N LYS A 73 24.33 -14.54 14.79
CA LYS A 73 25.77 -14.82 14.50
C LYS A 73 26.47 -13.82 13.65
N ASP A 74 25.83 -13.28 12.63
CA ASP A 74 26.49 -12.29 11.75
C ASP A 74 26.67 -10.87 12.30
N GLY A 75 25.98 -10.57 13.40
CA GLY A 75 26.04 -9.32 14.10
C GLY A 75 25.27 -8.17 13.40
N LYS A 76 24.51 -8.49 12.42
CA LYS A 76 23.91 -7.45 11.54
C LYS A 76 22.52 -7.04 11.98
N LEU A 77 22.09 -5.89 11.51
CA LEU A 77 20.83 -5.32 11.94
C LEU A 77 19.70 -6.25 11.53
N THR A 78 18.66 -6.33 12.33
CA THR A 78 17.53 -7.10 12.04
C THR A 78 16.25 -6.34 12.28
N ASP A 79 16.29 -5.02 12.40
CA ASP A 79 15.11 -4.20 12.76
C ASP A 79 14.44 -3.59 11.55
N TYR A 80 14.73 -4.04 10.34
CA TYR A 80 14.43 -3.33 9.14
C TYR A 80 13.61 -4.06 8.12
N ILE A 81 12.57 -3.38 7.65
CA ILE A 81 11.82 -3.87 6.47
C ILE A 81 11.54 -2.63 5.68
N ASN A 82 11.57 -2.74 4.36
CA ASN A 82 11.18 -1.63 3.50
C ASN A 82 9.62 -1.47 3.52
N ALA A 83 9.18 -0.71 4.49
CA ALA A 83 7.75 -0.40 4.71
C ALA A 83 7.64 0.75 5.58
N ASN A 84 6.54 1.45 5.47
CA ASN A 84 6.29 2.67 6.31
C ASN A 84 4.81 2.71 6.78
N TYR A 85 4.62 3.20 8.01
CA TYR A 85 3.33 3.60 8.53
C TYR A 85 2.85 4.80 7.73
N VAL A 86 1.62 4.78 7.32
CA VAL A 86 1.01 5.85 6.57
C VAL A 86 -0.38 6.09 7.19
N ASP A 87 -0.71 7.37 7.33
CA ASP A 87 -2.01 7.80 7.91
C ASP A 87 -3.19 7.58 6.95
N GLY A 88 -4.35 7.37 7.53
CA GLY A 88 -5.61 7.32 6.81
C GLY A 88 -6.56 8.44 7.31
N TYR A 89 -7.72 8.47 6.74
CA TYR A 89 -8.77 9.39 7.07
C TYR A 89 -9.10 9.23 8.55
N ASN A 90 -8.87 10.33 9.22
CA ASN A 90 -8.75 10.49 10.66
C ASN A 90 -8.47 9.19 11.44
N ARG A 91 -7.36 8.60 11.03
CA ARG A 91 -6.84 7.45 11.70
C ARG A 91 -5.32 7.41 11.45
N PRO A 92 -4.56 7.90 12.42
CA PRO A 92 -3.13 7.87 12.35
C PRO A 92 -2.64 6.43 12.15
N LYS A 93 -1.62 6.20 11.34
CA LYS A 93 -1.07 4.84 11.14
C LYS A 93 -2.04 3.76 10.73
N ALA A 94 -2.98 4.15 9.88
CA ALA A 94 -4.01 3.26 9.39
C ALA A 94 -3.46 2.18 8.43
N TYR A 95 -2.39 2.54 7.73
CA TYR A 95 -1.74 1.64 6.75
C TYR A 95 -0.28 1.42 7.06
N ILE A 96 0.21 0.26 6.62
CA ILE A 96 1.64 0.08 6.36
C ILE A 96 1.81 0.03 4.84
N ALA A 97 2.53 0.93 4.25
CA ALA A 97 2.78 0.86 2.81
C ALA A 97 4.12 0.16 2.64
N ALA A 98 4.10 -0.99 1.96
CA ALA A 98 5.28 -1.87 1.86
C ALA A 98 5.65 -2.25 0.44
N GLN A 99 6.93 -2.52 0.22
CA GLN A 99 7.35 -3.05 -1.00
C GLN A 99 6.90 -4.50 -1.00
N GLY A 100 6.74 -5.04 -2.23
CA GLY A 100 6.52 -6.49 -2.36
C GLY A 100 7.70 -7.26 -1.83
N PRO A 101 7.53 -8.19 -0.90
CA PRO A 101 8.67 -8.95 -0.33
C PRO A 101 9.48 -9.68 -1.41
N LEU A 102 10.76 -9.76 -1.19
CA LEU A 102 11.67 -10.63 -1.93
C LEU A 102 11.69 -12.01 -1.24
N LYS A 103 12.33 -13.00 -1.89
CA LYS A 103 12.46 -14.28 -1.23
C LYS A 103 13.24 -14.10 0.07
N SER A 104 14.21 -13.17 0.04
CA SER A 104 15.05 -12.97 1.17
C SER A 104 14.37 -12.14 2.28
N THR A 105 13.22 -11.58 2.06
CA THR A 105 12.51 -10.76 3.06
C THR A 105 11.16 -11.30 3.40
N ALA A 106 10.80 -12.48 2.91
CA ALA A 106 9.45 -13.02 3.16
C ALA A 106 9.31 -13.30 4.64
N GLU A 107 10.32 -13.84 5.29
CA GLU A 107 10.25 -14.05 6.73
C GLU A 107 10.11 -12.71 7.46
N ASP A 108 10.94 -11.70 7.07
CA ASP A 108 10.72 -10.38 7.66
C ASP A 108 9.29 -9.90 7.53
N PHE A 109 8.68 -10.13 6.37
CA PHE A 109 7.35 -9.64 6.09
C PHE A 109 6.31 -10.25 7.00
N TRP A 110 6.35 -11.58 7.18
CA TRP A 110 5.49 -12.25 8.07
C TRP A 110 5.77 -11.83 9.51
N ARG A 111 7.03 -11.56 9.84
CA ARG A 111 7.33 -11.18 11.22
C ARG A 111 6.73 -9.79 11.48
N MET A 112 6.79 -8.93 10.49
CA MET A 112 6.14 -7.58 10.58
C MET A 112 4.63 -7.79 10.79
N ILE A 113 4.00 -8.69 10.04
CA ILE A 113 2.52 -8.94 10.23
C ILE A 113 2.24 -9.43 11.62
N TRP A 114 3.11 -10.29 12.15
CA TRP A 114 2.92 -10.77 13.54
C TRP A 114 3.14 -9.64 14.55
N GLU A 115 4.28 -8.98 14.49
CA GLU A 115 4.61 -8.04 15.50
C GLU A 115 3.74 -6.81 15.44
N HIS A 116 3.19 -6.46 14.32
CA HIS A 116 2.36 -5.28 14.23
C HIS A 116 0.83 -5.55 14.20
N ASN A 117 0.46 -6.78 14.51
CA ASN A 117 -0.91 -7.16 14.62
C ASN A 117 -1.74 -6.88 13.36
N VAL A 118 -1.17 -7.14 12.21
CA VAL A 118 -1.84 -7.00 10.95
C VAL A 118 -2.77 -8.19 10.70
N GLU A 119 -4.02 -7.91 10.31
CA GLU A 119 -4.95 -8.96 9.89
C GLU A 119 -5.43 -8.91 8.44
N VAL A 120 -5.08 -7.87 7.70
CA VAL A 120 -5.49 -7.73 6.27
C VAL A 120 -4.24 -7.35 5.47
N ILE A 121 -4.00 -8.00 4.34
CA ILE A 121 -3.01 -7.56 3.35
C ILE A 121 -3.77 -7.23 2.05
N VAL A 122 -3.43 -6.09 1.44
CA VAL A 122 -3.90 -5.70 0.17
C VAL A 122 -2.68 -5.71 -0.76
N MET A 123 -2.79 -6.51 -1.80
CA MET A 123 -1.75 -6.71 -2.81
C MET A 123 -2.26 -6.22 -4.14
N ILE A 124 -1.56 -5.26 -4.73
CA ILE A 124 -1.97 -4.72 -6.06
C ILE A 124 -0.89 -4.86 -7.12
N THR A 125 -0.54 -6.10 -7.40
CA THR A 125 0.42 -6.46 -8.43
C THR A 125 0.24 -7.92 -8.71
N ASN A 126 0.64 -8.35 -9.89
CA ASN A 126 0.92 -9.78 -10.09
C ASN A 126 2.37 -10.03 -9.79
N LEU A 127 2.75 -11.31 -9.66
CA LEU A 127 4.07 -11.68 -9.31
C LEU A 127 5.06 -11.37 -10.42
N VAL A 128 4.68 -11.77 -11.63
CA VAL A 128 5.41 -11.41 -12.82
C VAL A 128 4.50 -10.71 -13.77
N GLU A 129 4.91 -9.55 -14.31
CA GLU A 129 4.08 -8.86 -15.27
C GLU A 129 4.85 -8.65 -16.57
N LYS A 130 4.44 -9.36 -17.60
CA LYS A 130 5.07 -9.32 -18.91
C LYS A 130 6.58 -9.38 -18.89
N GLY A 131 7.05 -10.43 -18.22
CA GLY A 131 8.43 -10.69 -18.04
C GLY A 131 9.16 -9.93 -16.94
N ARG A 132 8.51 -9.00 -16.23
CA ARG A 132 9.19 -8.22 -15.16
C ARG A 132 8.81 -8.84 -13.88
N ARG A 133 9.81 -9.20 -13.07
CA ARG A 133 9.56 -9.69 -11.74
C ARG A 133 9.13 -8.53 -10.82
N LYS A 134 7.96 -8.64 -10.21
CA LYS A 134 7.38 -7.59 -9.39
C LYS A 134 7.34 -7.93 -7.93
N CYS A 135 7.17 -9.22 -7.63
CA CYS A 135 6.93 -9.59 -6.28
C CYS A 135 7.15 -11.08 -6.21
N ASP A 136 7.72 -11.48 -5.11
CA ASP A 136 7.95 -12.91 -4.86
C ASP A 136 6.73 -13.51 -4.22
N GLN A 137 6.46 -14.80 -4.45
CA GLN A 137 5.33 -15.38 -3.82
C GLN A 137 5.69 -15.59 -2.34
N TYR A 138 5.06 -14.92 -1.45
CA TYR A 138 5.40 -15.08 -0.09
C TYR A 138 4.42 -15.95 0.73
N TRP A 139 3.46 -16.59 0.08
CA TRP A 139 2.46 -17.32 0.75
C TRP A 139 2.44 -18.71 0.12
N PRO A 140 2.00 -19.69 0.88
CA PRO A 140 2.09 -21.07 0.33
C PRO A 140 1.11 -21.32 -0.82
N ALA A 141 1.63 -21.90 -1.90
CA ALA A 141 0.83 -22.27 -3.09
C ALA A 141 -0.31 -23.20 -2.63
N ASP A 142 0.05 -24.15 -1.77
CA ASP A 142 -0.92 -25.11 -1.26
C ASP A 142 -0.64 -25.49 0.17
N GLY A 143 -1.64 -25.58 1.00
CA GLY A 143 -1.41 -26.08 2.33
C GLY A 143 -0.67 -25.03 3.16
N SER A 144 0.52 -25.40 3.61
CA SER A 144 1.27 -24.77 4.68
CA SER A 144 1.23 -24.58 4.57
C SER A 144 2.69 -24.44 4.24
N GLU A 145 3.29 -23.43 4.83
CA GLU A 145 4.72 -23.21 4.69
C GLU A 145 5.29 -22.44 5.87
N GLU A 146 6.54 -22.68 6.15
CA GLU A 146 7.31 -22.02 7.20
C GLU A 146 8.24 -21.01 6.58
N TYR A 147 8.30 -19.84 7.21
CA TYR A 147 9.21 -18.75 6.88
C TYR A 147 9.86 -18.43 8.23
N GLY A 148 10.99 -19.07 8.48
CA GLY A 148 11.54 -19.08 9.83
C GLY A 148 10.58 -19.60 10.87
N ASN A 149 10.40 -18.79 11.90
CA ASN A 149 9.49 -19.05 12.98
C ASN A 149 7.99 -18.86 12.63
N PHE A 150 7.62 -18.52 11.40
CA PHE A 150 6.23 -18.19 11.04
C PHE A 150 5.66 -19.27 10.13
N LEU A 151 4.58 -19.87 10.61
CA LEU A 151 3.83 -20.87 9.90
C LEU A 151 2.59 -20.27 9.29
N VAL A 152 2.59 -20.25 7.95
CA VAL A 152 1.45 -19.80 7.24
C VAL A 152 0.64 -20.91 6.67
N THR A 153 -0.65 -20.94 6.95
CA THR A 153 -1.51 -21.97 6.33
C THR A 153 -2.65 -21.34 5.51
N GLN A 154 -2.83 -21.86 4.32
CA GLN A 154 -3.85 -21.31 3.43
C GLN A 154 -5.07 -22.19 3.64
N LYS A 155 -6.07 -21.64 4.30
CA LYS A 155 -7.29 -22.29 4.61
C LYS A 155 -8.23 -22.28 3.40
N SER A 156 -8.37 -21.17 2.67
CA SER A 156 -9.25 -21.13 1.47
C SER A 156 -8.91 -19.93 0.52
N VAL A 157 -9.31 -20.02 -0.76
CA VAL A 157 -9.07 -18.97 -1.78
C VAL A 157 -10.37 -18.78 -2.57
N GLN A 158 -10.86 -17.60 -2.70
CA GLN A 158 -11.94 -17.29 -3.60
C GLN A 158 -11.42 -16.45 -4.77
N VAL A 159 -11.61 -16.95 -5.98
CA VAL A 159 -11.18 -16.26 -7.17
C VAL A 159 -12.39 -15.55 -7.81
N LEU A 160 -12.27 -14.26 -7.99
CA LEU A 160 -13.24 -13.43 -8.76
C LEU A 160 -12.58 -12.83 -10.03
N ALA A 161 -13.32 -12.15 -10.89
CA ALA A 161 -12.73 -11.75 -12.17
C ALA A 161 -11.59 -10.79 -12.03
N TYR A 162 -11.63 -9.87 -11.03
CA TYR A 162 -10.65 -8.83 -10.89
C TYR A 162 -9.74 -8.91 -9.64
N TYR A 163 -10.14 -9.73 -8.64
CA TYR A 163 -9.32 -9.95 -7.46
C TYR A 163 -9.58 -11.31 -6.86
N THR A 164 -8.62 -11.71 -6.02
CA THR A 164 -8.66 -12.98 -5.33
C THR A 164 -8.42 -12.75 -3.86
N VAL A 165 -9.16 -13.50 -3.07
CA VAL A 165 -9.06 -13.49 -1.62
C VAL A 165 -8.47 -14.75 -1.11
N ARG A 166 -7.39 -14.63 -0.35
CA ARG A 166 -6.79 -15.80 0.24
C ARG A 166 -6.87 -15.62 1.73
N ASN A 167 -7.23 -16.72 2.41
CA ASN A 167 -7.53 -16.73 3.81
C ASN A 167 -6.53 -17.59 4.47
N PHE A 168 -5.68 -16.99 5.29
CA PHE A 168 -4.61 -17.73 5.90
C PHE A 168 -4.76 -17.79 7.39
N THR A 169 -4.07 -18.75 8.02
CA THR A 169 -3.72 -18.64 9.47
C THR A 169 -2.21 -18.37 9.60
N LEU A 170 -1.81 -17.66 10.63
CA LEU A 170 -0.43 -17.33 10.91
C LEU A 170 -0.14 -17.78 12.29
N ARG A 171 0.94 -18.50 12.44
CA ARG A 171 1.35 -18.93 13.76
C ARG A 171 2.81 -18.64 13.97
N ASN A 172 3.12 -18.18 15.18
CA ASN A 172 4.51 -18.01 15.58
C ASN A 172 4.91 -19.25 16.32
N THR A 173 5.72 -20.07 15.66
CA THR A 173 6.05 -21.40 16.20
C THR A 173 7.18 -21.40 17.22
N LYS A 174 7.52 -20.24 17.79
CA LYS A 174 8.48 -20.18 18.88
C LYS A 174 7.73 -20.06 20.18
N ILE A 175 6.43 -19.84 20.11
CA ILE A 175 5.60 -19.83 21.30
C ILE A 175 5.29 -21.25 21.76
N GLY A 186 -2.85 -19.33 16.82
CA GLY A 186 -3.25 -18.99 15.47
C GLY A 186 -3.77 -17.54 15.39
N ARG A 187 -3.45 -16.84 14.29
CA ARG A 187 -4.18 -15.61 13.91
C ARG A 187 -4.66 -15.65 12.46
N VAL A 188 -5.89 -15.17 12.21
CA VAL A 188 -6.39 -15.04 10.85
C VAL A 188 -5.76 -13.83 10.18
N VAL A 189 -5.27 -14.05 8.97
CA VAL A 189 -4.85 -12.98 8.05
C VAL A 189 -5.51 -13.22 6.72
N THR A 190 -6.14 -12.18 6.18
CA THR A 190 -6.82 -12.23 4.91
C THR A 190 -6.15 -11.32 3.90
N GLN A 191 -5.83 -11.89 2.73
CA GLN A 191 -5.17 -11.15 1.68
C GLN A 191 -6.19 -10.84 0.56
N TYR A 192 -6.30 -9.59 0.20
CA TYR A 192 -7.09 -9.14 -0.97
C TYR A 192 -6.13 -8.78 -2.09
N HIS A 193 -6.15 -9.61 -3.14
CA HIS A 193 -5.14 -9.52 -4.18
C HIS A 193 -5.83 -9.09 -5.45
N TYR A 194 -5.59 -7.86 -5.86
CA TYR A 194 -6.15 -7.34 -7.09
C TYR A 194 -5.29 -7.87 -8.25
N THR A 195 -5.89 -8.59 -9.23
CA THR A 195 -5.09 -9.38 -10.19
C THR A 195 -5.16 -8.81 -11.60
N GLN A 196 -5.85 -7.70 -11.83
CA GLN A 196 -6.04 -7.17 -13.16
C GLN A 196 -5.46 -5.78 -13.36
N TRP A 197 -4.47 -5.33 -12.58
CA TRP A 197 -3.88 -4.01 -12.85
C TRP A 197 -3.04 -4.23 -14.12
N PRO A 198 -3.14 -3.31 -15.10
CA PRO A 198 -2.46 -3.53 -16.35
C PRO A 198 -0.94 -3.38 -16.16
N ASP A 199 -0.15 -4.01 -17.01
CA ASP A 199 1.26 -3.99 -16.72
C ASP A 199 1.92 -2.65 -17.00
N MET A 200 1.27 -1.79 -17.80
CA MET A 200 1.69 -0.37 -17.99
C MET A 200 0.50 0.57 -17.75
N GLY A 201 0.75 1.80 -17.30
CA GLY A 201 -0.34 2.73 -17.17
C GLY A 201 -1.28 2.38 -16.00
N VAL A 202 -2.49 2.86 -16.12
CA VAL A 202 -3.47 2.70 -15.07
C VAL A 202 -4.65 2.02 -15.70
N PRO A 203 -5.55 1.51 -14.87
CA PRO A 203 -6.67 0.76 -15.36
C PRO A 203 -7.50 1.60 -16.30
N GLU A 204 -7.97 0.97 -17.35
CA GLU A 204 -8.76 1.70 -18.32
C GLU A 204 -10.17 1.94 -17.73
N TYR A 205 -10.64 1.07 -16.87
CA TYR A 205 -11.96 1.24 -16.28
C TYR A 205 -11.86 1.20 -14.78
N SER A 206 -12.39 2.24 -14.16
CA SER A 206 -12.26 2.37 -12.68
C SER A 206 -13.21 1.49 -11.83
N LEU A 207 -14.33 1.03 -12.36
CA LEU A 207 -15.31 0.40 -11.49
C LEU A 207 -14.79 -0.82 -10.81
N PRO A 208 -14.01 -1.64 -11.53
CA PRO A 208 -13.49 -2.86 -10.84
C PRO A 208 -12.58 -2.52 -9.69
N VAL A 209 -11.81 -1.45 -9.85
CA VAL A 209 -10.96 -0.97 -8.79
C VAL A 209 -11.77 -0.42 -7.61
N LEU A 210 -12.74 0.44 -7.89
CA LEU A 210 -13.71 0.86 -6.86
C LEU A 210 -14.30 -0.28 -6.05
N THR A 211 -14.83 -1.26 -6.74
CA THR A 211 -15.41 -2.43 -6.16
C THR A 211 -14.46 -3.18 -5.23
N PHE A 212 -13.24 -3.36 -5.67
CA PHE A 212 -12.18 -3.96 -4.86
C PHE A 212 -11.89 -3.19 -3.61
N VAL A 213 -11.74 -1.89 -3.76
CA VAL A 213 -11.51 -1.03 -2.62
C VAL A 213 -12.65 -1.16 -1.57
N ARG A 214 -13.89 -1.17 -2.05
CA ARG A 214 -15.05 -1.28 -1.15
C ARG A 214 -15.13 -2.59 -0.43
N LYS A 215 -14.82 -3.64 -1.14
CA LYS A 215 -14.83 -4.95 -0.49
C LYS A 215 -13.72 -5.07 0.52
N ALA A 216 -12.53 -4.58 0.15
CA ALA A 216 -11.46 -4.61 1.13
C ALA A 216 -11.85 -3.79 2.33
N ALA A 217 -12.51 -2.67 2.10
CA ALA A 217 -12.73 -1.72 3.22
C ALA A 217 -13.72 -2.34 4.23
N TYR A 218 -14.73 -3.03 3.69
CA TYR A 218 -15.63 -3.81 4.53
C TYR A 218 -14.83 -4.78 5.40
N ALA A 219 -13.88 -5.46 4.76
CA ALA A 219 -13.24 -6.56 5.39
C ALA A 219 -12.32 -6.07 6.47
N LYS A 220 -11.77 -4.87 6.34
CA LYS A 220 -10.94 -4.35 7.40
C LYS A 220 -11.62 -3.42 8.39
N ARG A 221 -12.93 -3.33 8.33
CA ARG A 221 -13.59 -2.26 9.01
C ARG A 221 -13.43 -2.33 10.50
N HIS A 222 -13.24 -3.51 11.11
CA HIS A 222 -12.99 -3.59 12.58
C HIS A 222 -11.54 -3.87 12.95
N ALA A 223 -10.64 -3.92 11.97
CA ALA A 223 -9.27 -4.29 12.24
C ALA A 223 -8.67 -3.28 13.20
N VAL A 224 -8.03 -3.74 14.27
CA VAL A 224 -7.45 -2.85 15.27
C VAL A 224 -6.05 -2.36 14.84
N GLY A 225 -5.32 -3.20 14.11
CA GLY A 225 -3.99 -2.78 13.68
C GLY A 225 -4.02 -2.30 12.23
N PRO A 226 -2.85 -1.90 11.74
CA PRO A 226 -2.78 -1.41 10.37
C PRO A 226 -3.08 -2.47 9.32
N VAL A 227 -3.51 -2.01 8.17
CA VAL A 227 -3.65 -2.80 6.95
C VAL A 227 -2.34 -2.66 6.17
N VAL A 228 -1.75 -3.79 5.79
CA VAL A 228 -0.58 -3.79 4.93
C VAL A 228 -1.03 -3.65 3.46
N VAL A 229 -0.48 -2.71 2.75
CA VAL A 229 -0.73 -2.49 1.35
C VAL A 229 0.62 -2.56 0.60
N HIS A 230 0.73 -3.41 -0.41
CA HIS A 230 1.90 -3.41 -1.25
C HIS A 230 1.59 -3.62 -2.68
N CYS A 231 2.53 -3.30 -3.53
CA CYS A 231 2.51 -3.56 -4.92
C CYS A 231 3.91 -4.15 -5.17
N SER A 232 4.76 -3.56 -6.01
CA SER A 232 6.14 -4.04 -6.21
C SER A 232 7.03 -3.10 -5.34
N ALA A 233 7.09 -1.82 -5.69
CA ALA A 233 7.89 -0.86 -4.95
C ALA A 233 7.16 -0.40 -3.69
N GLY A 234 5.85 -0.57 -3.65
CA GLY A 234 5.07 -0.08 -2.52
C GLY A 234 4.83 1.40 -2.49
N VAL A 235 4.85 2.04 -3.65
CA VAL A 235 4.64 3.52 -3.77
C VAL A 235 3.49 3.99 -4.68
N GLY A 236 3.40 3.43 -5.88
CA GLY A 236 2.52 3.98 -7.00
C GLY A 236 1.10 3.48 -6.87
N ARG A 237 0.94 2.21 -7.18
CA ARG A 237 -0.32 1.56 -6.95
C ARG A 237 -0.73 1.53 -5.49
N THR A 238 0.24 1.27 -4.60
CA THR A 238 0.01 1.34 -3.18
C THR A 238 -0.52 2.64 -2.75
N GLY A 239 0.12 3.71 -3.16
CA GLY A 239 -0.37 5.06 -2.85
C GLY A 239 -1.76 5.32 -3.42
N THR A 240 -2.00 4.82 -4.61
CA THR A 240 -3.28 5.09 -5.24
C THR A 240 -4.40 4.43 -4.39
N TYR A 241 -4.22 3.17 -4.00
CA TYR A 241 -5.16 2.49 -3.09
C TYR A 241 -5.38 3.24 -1.80
N ILE A 242 -4.28 3.71 -1.19
CA ILE A 242 -4.41 4.42 0.06
C ILE A 242 -5.23 5.68 -0.06
N VAL A 243 -5.02 6.45 -1.12
CA VAL A 243 -5.79 7.66 -1.29
C VAL A 243 -7.22 7.35 -1.58
N LEU A 244 -7.48 6.38 -2.46
CA LEU A 244 -8.89 5.96 -2.73
C LEU A 244 -9.65 5.50 -1.49
N ASP A 245 -9.00 4.69 -0.69
CA ASP A 245 -9.64 4.14 0.48
C ASP A 245 -9.94 5.25 1.48
N SER A 246 -9.00 6.14 1.69
CA SER A 246 -9.16 7.21 2.63
C SER A 246 -10.20 8.22 2.15
N MET A 247 -10.15 8.56 0.88
CA MET A 247 -11.15 9.48 0.33
C MET A 247 -12.55 8.90 0.31
N LEU A 248 -12.71 7.57 0.08
CA LEU A 248 -14.08 6.99 0.20
C LEU A 248 -14.58 7.18 1.63
N GLN A 249 -13.68 7.14 2.60
CA GLN A 249 -14.09 7.39 3.98
C GLN A 249 -14.48 8.85 4.21
N GLN A 250 -13.68 9.79 3.68
CA GLN A 250 -14.00 11.16 3.79
C GLN A 250 -15.40 11.45 3.19
N ILE A 251 -15.66 10.91 2.03
CA ILE A 251 -16.88 11.12 1.33
C ILE A 251 -18.04 10.66 2.15
N GLN A 252 -17.97 9.43 2.61
CA GLN A 252 -19.05 8.93 3.46
C GLN A 252 -19.26 9.75 4.73
N HIS A 253 -18.21 10.27 5.35
CA HIS A 253 -18.40 10.87 6.66
C HIS A 253 -18.51 12.43 6.61
N GLU A 254 -18.00 13.06 5.57
CA GLU A 254 -18.18 14.48 5.45
C GLU A 254 -18.68 14.91 4.14
N GLY A 255 -18.89 14.01 3.20
CA GLY A 255 -19.40 14.42 1.88
C GLY A 255 -18.44 15.39 1.20
N THR A 256 -17.16 15.20 1.39
CA THR A 256 -16.17 16.03 0.71
C THR A 256 -14.93 15.19 0.32
N VAL A 257 -14.06 15.79 -0.48
CA VAL A 257 -12.86 15.11 -0.97
C VAL A 257 -11.65 16.05 -0.98
N ASN A 258 -10.52 15.54 -0.53
CA ASN A 258 -9.33 16.29 -0.43
C ASN A 258 -8.08 15.51 -0.78
N ILE A 259 -8.04 15.11 -2.04
CA ILE A 259 -6.92 14.35 -2.60
C ILE A 259 -5.61 15.07 -2.45
N PHE A 260 -5.60 16.37 -2.82
CA PHE A 260 -4.37 17.13 -2.89
C PHE A 260 -3.68 17.31 -1.51
N GLY A 261 -4.44 17.73 -0.53
CA GLY A 261 -3.97 17.87 0.81
C GLY A 261 -3.64 16.58 1.54
N PHE A 262 -4.44 15.55 1.30
CA PHE A 262 -4.20 14.25 1.89
C PHE A 262 -2.91 13.61 1.37
N LEU A 263 -2.74 13.65 0.05
CA LEU A 263 -1.55 13.19 -0.62
C LEU A 263 -0.31 13.88 -0.19
N LYS A 264 -0.34 15.22 -0.08
CA LYS A 264 0.81 15.97 0.37
C LYS A 264 1.25 15.54 1.74
N HIS A 265 0.27 15.31 2.62
CA HIS A 265 0.52 14.84 3.99
C HIS A 265 1.17 13.46 3.96
N ILE A 266 0.63 12.48 3.24
CA ILE A 266 1.23 11.13 3.28
C ILE A 266 2.55 11.04 2.62
N ARG A 267 2.84 12.01 1.72
CA ARG A 267 4.16 12.05 1.08
C ARG A 267 5.24 12.23 2.16
N SER A 268 4.90 12.83 3.27
CA SER A 268 5.85 12.92 4.39
C SER A 268 6.16 11.56 5.05
N GLN A 269 5.35 10.58 4.82
CA GLN A 269 5.48 9.26 5.42
C GLN A 269 6.14 8.20 4.59
N ARG A 270 5.95 8.27 3.28
CA ARG A 270 6.70 7.39 2.40
C ARG A 270 6.92 8.04 1.07
N ASN A 271 8.13 7.92 0.57
CA ASN A 271 8.46 8.53 -0.71
C ASN A 271 7.63 8.06 -1.89
N TYR A 272 7.26 9.02 -2.75
CA TYR A 272 6.62 8.76 -4.03
C TYR A 272 5.24 8.12 -4.00
N LEU A 273 4.55 8.13 -2.87
CA LEU A 273 3.18 7.58 -2.81
C LEU A 273 2.33 8.27 -3.86
N VAL A 274 1.71 7.52 -4.75
CA VAL A 274 1.14 8.04 -6.01
C VAL A 274 2.27 8.60 -6.84
N GLN A 275 2.87 7.73 -7.63
CA GLN A 275 4.21 8.03 -8.21
C GLN A 275 4.12 8.82 -9.49
N THR A 276 2.98 8.68 -10.20
CA THR A 276 2.87 9.27 -11.50
C THR A 276 1.66 10.21 -11.60
N GLU A 277 1.78 11.13 -12.53
CA GLU A 277 0.66 12.03 -12.75
C GLU A 277 -0.55 11.25 -13.22
N GLU A 278 -0.33 10.25 -14.03
CA GLU A 278 -1.41 9.35 -14.50
CA GLU A 278 -1.42 9.42 -14.50
C GLU A 278 -2.22 8.75 -13.36
N GLN A 279 -1.50 8.32 -12.32
CA GLN A 279 -2.13 7.76 -11.16
C GLN A 279 -2.91 8.82 -10.39
N TYR A 280 -2.30 9.98 -10.27
CA TYR A 280 -3.01 11.14 -9.65
C TYR A 280 -4.32 11.41 -10.33
N VAL A 281 -4.27 11.46 -11.64
CA VAL A 281 -5.44 11.70 -12.44
C VAL A 281 -6.50 10.55 -12.27
N PHE A 282 -5.99 9.33 -12.29
CA PHE A 282 -6.85 8.18 -12.16
C PHE A 282 -7.65 8.18 -10.82
N ILE A 283 -7.03 8.62 -9.73
CA ILE A 283 -7.74 8.75 -8.44
C ILE A 283 -8.90 9.71 -8.64
N HIS A 284 -8.63 10.83 -9.31
CA HIS A 284 -9.67 11.85 -9.44
C HIS A 284 -10.84 11.30 -10.31
N ASP A 285 -10.51 10.68 -11.46
CA ASP A 285 -11.50 10.07 -12.37
C ASP A 285 -12.31 8.97 -11.75
N THR A 286 -11.67 8.13 -10.94
CA THR A 286 -12.35 7.08 -10.24
C THR A 286 -13.37 7.59 -9.23
N LEU A 287 -13.01 8.69 -8.56
CA LEU A 287 -13.90 9.24 -7.56
C LEU A 287 -15.05 9.99 -8.21
N VAL A 288 -14.82 10.63 -9.38
CA VAL A 288 -15.92 11.32 -10.09
C VAL A 288 -16.94 10.25 -10.42
N GLU A 289 -16.46 9.13 -10.95
CA GLU A 289 -17.34 8.03 -11.31
C GLU A 289 -18.07 7.50 -10.13
N ALA A 290 -17.39 7.25 -9.02
CA ALA A 290 -18.04 6.84 -7.78
C ALA A 290 -19.16 7.75 -7.33
N ILE A 291 -18.89 9.06 -7.37
CA ILE A 291 -19.85 10.07 -6.97
C ILE A 291 -21.05 10.14 -7.88
N LEU A 292 -20.82 10.14 -9.19
CA LEU A 292 -21.89 10.25 -10.17
C LEU A 292 -22.82 9.03 -10.21
N SER A 293 -22.42 7.82 -9.84
CA SER A 293 -23.45 6.94 -9.22
C SER A 293 -23.18 6.72 -7.76
#